data_1AQK
#
_entry.id   1AQK
#
_cell.length_a   40.700
_cell.length_b   78.600
_cell.length_c   74.600
_cell.angle_alpha   90.00
_cell.angle_beta   104.30
_cell.angle_gamma   90.00
#
_symmetry.space_group_name_H-M   'P 1 21 1'
#
loop_
_entity.id
_entity.type
_entity.pdbx_description
1 polymer 'FAB B7-15A2'
2 polymer 'FAB B7-15A2'
3 water water
#
loop_
_entity_poly.entity_id
_entity_poly.type
_entity_poly.pdbx_seq_one_letter_code
_entity_poly.pdbx_strand_id
1 'polypeptide(L)'
;(PCA)NVLTQPPSVSGAPGQRVTISCTGSNSNIGAGFTVHWYQHLPGTAPKLLIFANTNRPSGVPDRFSGSKSGTSASLA
ITGLQAEDEADYYCQSYDSSLSARFGGGTRLTVLGQPKAAPSVTLFPPSSEELQANKATLVCLISDFYPGAVTVAWKADS
SPVNAGVETTKPSKQSNNKYAASSYLSLTPEQWKSHKSYSCQVTHEGSTVEKTVAPAECS
;
L
2 'polypeptide(L)'
;(PCA)VQLVESGGGVVQPGRSLRLSCAASGFTFNNYAIHWVRQAPGKGLEWVAFISYDGSKNYYADSVKGRFTISRDNSK
NTLFLQMNSLRPEDTAIYYCARVLFQQLVLYAPFDIWGQGTMVTVSSASTKGPSVFPLAPSSKSTSGGTAALGCLVKDYF
PQPVTVSWNSGALTSGVHTFPAVLQSSGLYSLSSVVTVPSSSLGTQTYICNVNHKPSNTKVDKKVEPKSC
;
H
#
# COMPACT_ATOMS: atom_id res chain seq x y z
N PCA A 1 17.57 25.54 0.02
CA PCA A 1 16.95 24.22 0.05
CB PCA A 1 16.29 23.99 -1.32
CG PCA A 1 16.26 25.35 -2.04
CD PCA A 1 17.19 26.23 -1.23
OE PCA A 1 17.25 27.47 -1.37
C PCA A 1 17.90 23.11 0.48
O PCA A 1 19.12 23.30 0.59
N ASN A 2 17.33 21.94 0.77
CA ASN A 2 18.18 20.88 1.25
C ASN A 2 17.35 19.69 1.60
N VAL A 3 17.98 18.80 2.32
CA VAL A 3 17.29 17.58 2.68
C VAL A 3 17.63 17.05 4.06
N LEU A 4 16.86 16.05 4.50
CA LEU A 4 16.99 15.35 5.74
C LEU A 4 17.04 13.89 5.44
N THR A 5 18.13 13.24 5.83
CA THR A 5 18.34 11.80 5.60
C THR A 5 18.03 11.02 6.86
N GLN A 6 17.43 9.88 6.71
CA GLN A 6 16.99 9.00 7.76
C GLN A 6 17.38 7.58 7.34
N PRO A 7 17.79 6.72 8.24
CA PRO A 7 18.11 5.40 7.80
C PRO A 7 16.82 4.75 7.38
N PRO A 8 16.81 4.06 6.25
CA PRO A 8 15.60 3.41 5.77
C PRO A 8 15.00 2.45 6.76
N SER A 9 15.81 1.75 7.48
CA SER A 9 15.07 0.90 8.42
C SER A 9 15.86 0.58 9.66
N VAL A 10 15.18 0.23 10.72
CA VAL A 10 15.84 -0.13 11.97
C VAL A 10 15.11 -1.21 12.71
N SER A 11 15.90 -1.98 13.47
CA SER A 11 15.30 -3.07 14.19
C SER A 11 15.72 -3.13 15.65
N GLY A 12 14.93 -3.86 16.41
CA GLY A 12 15.27 -4.02 17.80
C GLY A 12 14.35 -5.06 18.37
N ALA A 13 14.70 -5.58 19.51
CA ALA A 13 13.81 -6.54 20.05
C ALA A 13 12.98 -5.95 21.14
N PRO A 14 11.85 -6.57 21.39
CA PRO A 14 10.92 -6.07 22.39
C PRO A 14 11.63 -5.72 23.71
N GLY A 15 11.11 -4.72 24.43
CA GLY A 15 11.72 -4.29 25.68
C GLY A 15 13.03 -3.58 25.47
N GLN A 16 13.63 -3.73 24.30
CA GLN A 16 14.88 -3.00 24.14
C GLN A 16 14.70 -1.52 23.77
N ARG A 17 15.82 -0.89 23.46
CA ARG A 17 15.75 0.49 23.11
C ARG A 17 16.45 0.70 21.78
N VAL A 18 15.86 1.59 20.92
CA VAL A 18 16.49 1.95 19.65
C VAL A 18 16.47 3.46 19.44
N THR A 19 17.23 3.84 18.51
CA THR A 19 17.36 5.20 18.15
C THR A 19 17.17 5.42 16.65
N ILE A 20 16.53 6.54 16.24
CA ILE A 20 16.34 6.84 14.83
C ILE A 20 16.91 8.21 14.55
N SER A 21 17.94 8.31 13.74
CA SER A 21 18.56 9.60 13.48
C SER A 21 17.95 10.34 12.32
N CYS A 22 18.22 11.68 12.29
CA CYS A 22 17.75 12.58 11.22
C CYS A 22 18.88 13.48 10.95
N THR A 23 19.46 13.38 9.77
CA THR A 23 20.64 14.15 9.55
C THR A 23 20.38 15.26 8.62
N GLY A 24 20.68 16.50 9.04
CA GLY A 24 20.34 17.58 8.10
C GLY A 24 21.53 18.37 7.80
N SER A 25 21.38 19.65 7.56
CA SER A 25 22.61 20.34 7.22
C SER A 25 22.60 21.77 7.78
N ASN A 26 23.65 22.50 7.49
CA ASN A 26 23.73 23.88 7.97
C ASN A 26 22.56 24.71 7.56
N SER A 27 21.74 24.19 6.66
CA SER A 27 20.63 25.00 6.20
C SER A 27 19.29 24.78 6.85
N ASN A 28 19.08 23.65 7.50
CA ASN A 28 17.85 23.50 8.21
C ASN A 28 18.24 23.38 9.70
N ILE A 29 18.29 22.14 10.18
CA ILE A 29 18.68 21.89 11.54
C ILE A 29 19.79 22.80 12.02
N GLY A 30 20.82 22.92 11.23
CA GLY A 30 21.96 23.71 11.66
C GLY A 30 21.67 25.18 11.82
N ALA A 31 20.60 25.65 11.19
CA ALA A 31 20.35 27.05 11.31
C ALA A 31 19.40 27.35 12.45
N GLY A 32 19.11 26.41 13.32
CA GLY A 32 18.15 26.79 14.32
C GLY A 32 16.73 26.30 14.02
N PHE A 33 16.38 25.85 12.79
CA PHE A 33 15.03 25.41 12.57
C PHE A 33 14.73 24.19 13.41
N THR A 34 13.57 24.09 13.90
CA THR A 34 13.29 23.01 14.77
C THR A 34 12.89 21.73 14.06
N VAL A 35 12.87 20.58 14.84
CA VAL A 35 12.52 19.28 14.30
C VAL A 35 11.36 18.72 15.05
N HIS A 36 10.40 18.14 14.30
CA HIS A 36 9.23 17.46 14.84
C HIS A 36 9.26 16.05 14.26
N TRP A 37 8.65 15.16 14.99
CA TRP A 37 8.60 13.70 14.73
C TRP A 37 7.18 13.27 14.70
N TYR A 38 6.85 12.35 13.72
CA TYR A 38 5.56 11.82 13.49
C TYR A 38 5.67 10.32 13.40
N GLN A 39 4.68 9.63 13.88
CA GLN A 39 4.72 8.22 13.77
C GLN A 39 3.67 7.81 12.73
N HIS A 40 3.92 6.80 11.87
CA HIS A 40 2.90 6.49 10.89
C HIS A 40 2.73 5.08 10.42
N LEU A 41 1.49 4.67 10.47
CA LEU A 41 0.99 3.43 9.89
C LEU A 41 -0.01 3.83 8.83
N PRO A 42 0.36 3.70 7.53
CA PRO A 42 -0.48 4.10 6.40
C PRO A 42 -2.02 3.93 6.50
N GLY A 43 -2.51 2.92 7.21
CA GLY A 43 -3.94 2.82 7.32
C GLY A 43 -4.45 3.83 8.34
N THR A 44 -3.65 4.87 8.56
CA THR A 44 -4.00 5.85 9.53
C THR A 44 -3.36 7.15 9.14
N ALA A 45 -3.73 8.23 9.82
CA ALA A 45 -3.14 9.51 9.56
C ALA A 45 -1.91 9.63 10.41
N PRO A 46 -0.97 10.48 10.05
CA PRO A 46 0.17 10.53 10.96
C PRO A 46 -0.17 11.01 12.36
N LYS A 47 0.75 10.78 13.28
CA LYS A 47 0.56 11.18 14.66
C LYS A 47 1.77 11.96 15.07
N LEU A 48 1.54 13.13 15.66
CA LEU A 48 2.65 13.96 16.13
C LEU A 48 3.19 13.23 17.38
N LEU A 49 4.52 12.98 17.45
CA LEU A 49 5.11 12.30 18.61
C LEU A 49 5.86 13.27 19.53
N ILE A 50 6.74 14.05 18.90
CA ILE A 50 7.62 15.02 19.51
C ILE A 50 7.67 16.34 18.69
N PHE A 51 7.71 17.52 19.35
CA PHE A 51 7.84 18.77 18.66
C PHE A 51 8.88 19.65 19.27
N ALA A 52 9.40 20.50 18.45
CA ALA A 52 10.40 21.43 18.82
C ALA A 52 11.51 20.71 19.59
N ASN A 53 12.17 19.77 18.88
CA ASN A 53 13.29 18.97 19.33
C ASN A 53 13.07 18.03 20.46
N THR A 54 12.58 18.54 21.58
CA THR A 54 12.46 17.64 22.73
C THR A 54 11.10 17.61 23.39
N ASN A 55 10.11 18.34 22.83
CA ASN A 55 8.82 18.37 23.48
C ASN A 55 7.87 17.28 23.11
N ARG A 56 7.20 16.77 24.10
CA ARG A 56 6.21 15.72 23.95
C ARG A 56 4.77 16.10 24.36
N PRO A 57 3.84 16.03 23.42
CA PRO A 57 2.45 16.35 23.72
C PRO A 57 1.87 15.39 24.75
N SER A 58 0.81 15.77 25.41
CA SER A 58 0.26 14.85 26.38
C SER A 58 -0.51 13.82 25.61
N GLY A 59 -0.43 12.58 26.04
CA GLY A 59 -1.12 11.52 25.34
C GLY A 59 -0.04 10.59 24.83
N VAL A 60 1.09 11.22 24.50
CA VAL A 60 2.28 10.55 24.03
C VAL A 60 3.07 10.03 25.23
N PRO A 61 3.37 8.73 25.23
CA PRO A 61 4.11 8.09 26.31
C PRO A 61 5.60 8.44 26.48
N ASP A 62 6.01 8.21 27.71
CA ASP A 62 7.30 8.37 28.33
C ASP A 62 8.43 7.82 27.53
N ARG A 63 8.13 6.70 26.95
CA ARG A 63 9.08 5.93 26.20
C ARG A 63 9.65 6.66 25.02
N PHE A 64 9.01 7.77 24.54
CA PHE A 64 9.52 8.47 23.38
C PHE A 64 10.29 9.73 23.75
N SER A 65 11.43 9.96 23.17
CA SER A 65 12.10 11.21 23.54
C SER A 65 12.96 11.66 22.41
N GLY A 66 13.30 12.98 22.35
CA GLY A 66 14.14 13.52 21.31
C GLY A 66 15.34 14.31 21.79
N SER A 67 16.29 14.46 20.93
CA SER A 67 17.47 15.22 21.22
C SER A 67 17.95 15.82 19.94
N LYS A 68 18.88 16.70 20.04
CA LYS A 68 19.33 17.37 18.84
C LYS A 68 20.70 17.94 19.11
N SER A 69 21.59 17.94 18.12
CA SER A 69 22.92 18.44 18.32
C SER A 69 23.54 18.78 17.00
N GLY A 70 24.10 19.94 16.89
CA GLY A 70 24.75 20.33 15.66
C GLY A 70 23.77 20.29 14.50
N THR A 71 23.96 19.38 13.52
CA THR A 71 23.02 19.36 12.36
C THR A 71 22.28 18.08 12.37
N SER A 72 22.24 17.44 13.51
CA SER A 72 21.48 16.19 13.47
C SER A 72 20.50 16.19 14.57
N ALA A 73 19.51 15.32 14.43
CA ALA A 73 18.54 15.13 15.46
C ALA A 73 18.33 13.63 15.65
N SER A 74 17.74 13.24 16.74
CA SER A 74 17.55 11.82 16.94
C SER A 74 16.33 11.49 17.77
N LEU A 75 15.72 10.30 17.60
CA LEU A 75 14.52 9.95 18.37
C LEU A 75 14.83 8.61 19.04
N ALA A 76 14.55 8.52 20.35
CA ALA A 76 14.81 7.34 21.09
C ALA A 76 13.55 6.74 21.54
N ILE A 77 13.45 5.38 21.52
CA ILE A 77 12.26 4.68 21.97
C ILE A 77 12.70 3.59 22.90
N THR A 78 12.12 3.52 24.09
CA THR A 78 12.53 2.47 25.02
C THR A 78 11.47 1.47 25.23
N GLY A 79 11.88 0.33 25.76
CA GLY A 79 10.90 -0.68 26.02
C GLY A 79 10.11 -0.99 24.76
N LEU A 80 10.79 -1.32 23.67
CA LEU A 80 10.08 -1.68 22.42
C LEU A 80 8.94 -2.66 22.57
N GLN A 81 7.83 -2.28 21.95
CA GLN A 81 6.59 -3.02 21.90
C GLN A 81 6.22 -3.30 20.47
N ALA A 82 5.36 -4.29 20.29
CA ALA A 82 4.87 -4.69 19.01
C ALA A 82 4.24 -3.57 18.29
N GLU A 83 3.36 -2.94 19.00
CA GLU A 83 2.61 -1.84 18.47
C GLU A 83 3.49 -0.71 18.00
N ASP A 84 4.73 -0.79 18.30
CA ASP A 84 5.60 0.31 17.85
C ASP A 84 6.04 0.14 16.41
N GLU A 85 5.73 -1.01 15.82
CA GLU A 85 6.14 -1.25 14.44
C GLU A 85 5.48 -0.22 13.50
N ALA A 86 6.21 0.67 12.86
CA ALA A 86 5.52 1.64 12.00
C ALA A 86 6.54 2.45 11.31
N ASP A 87 6.14 3.48 10.56
CA ASP A 87 7.16 4.36 9.88
C ASP A 87 7.34 5.62 10.69
N TYR A 88 8.55 6.17 10.75
CA TYR A 88 8.78 7.34 11.60
C TYR A 88 9.46 8.36 10.77
N TYR A 89 9.02 9.64 10.81
CA TYR A 89 9.56 10.70 10.00
C TYR A 89 9.96 11.92 10.83
N CYS A 90 11.07 12.51 10.51
CA CYS A 90 11.48 13.73 11.15
C CYS A 90 11.01 14.81 10.22
N GLN A 91 10.95 16.08 10.57
CA GLN A 91 10.44 17.08 9.63
C GLN A 91 11.01 18.39 10.10
N SER A 92 11.41 19.25 9.22
CA SER A 92 11.95 20.52 9.64
C SER A 92 11.50 21.53 8.58
N TYR A 93 12.28 22.57 8.44
CA TYR A 93 12.00 23.66 7.50
C TYR A 93 13.28 24.22 6.98
N ASP A 94 13.09 25.15 6.06
CA ASP A 94 14.18 25.91 5.53
C ASP A 94 13.80 27.34 5.32
N SER A 95 14.77 28.09 4.86
CA SER A 95 14.56 29.51 4.67
C SER A 95 13.55 29.92 3.59
N SER A 96 12.44 29.20 3.50
CA SER A 96 11.42 29.52 2.55
C SER A 96 10.15 29.41 3.28
N LEU A 97 10.20 28.49 4.21
CA LEU A 97 9.03 28.25 5.02
C LEU A 97 8.18 27.20 4.37
N SER A 98 8.92 26.29 3.82
CA SER A 98 8.42 25.13 3.20
C SER A 98 8.82 24.14 4.25
N ALA A 99 7.91 23.28 4.59
CA ALA A 99 8.16 22.26 5.55
C ALA A 99 8.98 21.23 4.76
N ARG A 100 9.89 20.52 5.43
CA ARG A 100 10.67 19.51 4.74
C ARG A 100 10.61 18.20 5.55
N PHE A 101 10.12 17.08 4.94
CA PHE A 101 10.10 15.79 5.60
C PHE A 101 11.29 14.93 5.21
N GLY A 102 11.73 14.05 6.11
CA GLY A 102 12.81 13.17 5.78
C GLY A 102 12.15 11.98 5.08
N GLY A 103 12.96 11.01 4.58
CA GLY A 103 12.50 9.82 3.82
C GLY A 103 11.72 8.81 4.58
N GLY A 104 11.84 8.78 5.90
CA GLY A 104 11.09 7.76 6.65
C GLY A 104 12.01 6.62 7.08
N THR A 105 11.77 6.04 8.25
CA THR A 105 12.55 4.87 8.74
C THR A 105 11.52 3.88 9.09
N ARG A 106 11.58 2.63 8.57
CA ARG A 106 10.50 1.75 9.06
C ARG A 106 11.07 0.96 10.22
N LEU A 107 10.38 0.88 11.33
CA LEU A 107 11.02 0.14 12.42
C LEU A 107 10.48 -1.27 12.49
N THR A 108 11.36 -2.23 12.57
CA THR A 108 10.85 -3.60 12.74
C THR A 108 11.16 -4.10 14.14
N VAL A 109 10.20 -4.77 14.73
CA VAL A 109 10.35 -5.31 16.05
C VAL A 109 10.68 -6.80 16.01
N LEU A 110 11.88 -7.23 16.39
CA LEU A 110 12.17 -8.66 16.32
C LEU A 110 11.29 -9.54 17.18
N GLY A 111 11.51 -10.83 17.10
CA GLY A 111 10.71 -11.66 17.94
C GLY A 111 9.75 -12.61 17.26
N GLN A 112 9.64 -12.55 15.95
CA GLN A 112 8.70 -13.51 15.39
C GLN A 112 9.48 -14.58 14.68
N PRO A 113 9.16 -15.81 14.98
CA PRO A 113 9.78 -16.96 14.39
C PRO A 113 9.69 -17.00 12.88
N LYS A 114 10.73 -17.54 12.26
CA LYS A 114 10.78 -17.67 10.83
C LYS A 114 9.65 -18.62 10.38
N ALA A 115 9.06 -18.39 9.21
CA ALA A 115 7.96 -19.19 8.68
C ALA A 115 8.15 -19.39 7.20
N ALA A 116 8.09 -20.67 6.79
CA ALA A 116 8.29 -21.10 5.40
C ALA A 116 7.02 -20.87 4.66
N PRO A 117 7.11 -20.47 3.44
CA PRO A 117 5.88 -20.17 2.70
C PRO A 117 5.18 -21.40 2.18
N SER A 118 3.84 -21.34 2.02
CA SER A 118 3.08 -22.40 1.34
C SER A 118 2.97 -21.84 -0.06
N VAL A 119 3.28 -22.64 -1.09
CA VAL A 119 3.23 -22.12 -2.44
C VAL A 119 2.15 -22.93 -3.19
N THR A 120 1.27 -22.25 -3.94
CA THR A 120 0.23 -22.94 -4.74
C THR A 120 0.32 -22.52 -6.20
N LEU A 121 0.45 -23.47 -7.21
CA LEU A 121 0.55 -23.03 -8.63
C LEU A 121 -0.61 -23.57 -9.41
N PHE A 122 -1.27 -22.68 -10.17
CA PHE A 122 -2.39 -23.03 -11.01
C PHE A 122 -2.05 -22.78 -12.47
N PRO A 123 -2.41 -23.75 -13.29
CA PRO A 123 -2.30 -23.67 -14.75
C PRO A 123 -3.50 -22.88 -15.33
N PRO A 124 -3.46 -22.58 -16.61
CA PRO A 124 -4.57 -21.86 -17.18
C PRO A 124 -5.83 -22.60 -17.12
N SER A 125 -6.96 -21.93 -17.15
CA SER A 125 -8.21 -22.73 -17.16
C SER A 125 -8.66 -22.90 -18.65
N SER A 126 -9.49 -23.90 -18.92
CA SER A 126 -9.97 -24.09 -20.25
C SER A 126 -10.59 -22.79 -20.71
N GLU A 127 -11.47 -22.25 -19.87
CA GLU A 127 -12.13 -21.01 -20.24
C GLU A 127 -11.20 -19.94 -20.74
N GLU A 128 -10.12 -19.72 -20.03
CA GLU A 128 -9.27 -18.66 -20.55
C GLU A 128 -8.61 -19.10 -21.81
N LEU A 129 -8.35 -20.42 -21.84
CA LEU A 129 -7.70 -20.93 -23.05
C LEU A 129 -8.66 -20.79 -24.23
N GLN A 130 -9.91 -21.06 -23.97
CA GLN A 130 -10.82 -20.88 -25.07
C GLN A 130 -10.83 -19.44 -25.55
N ALA A 131 -10.57 -18.51 -24.67
CA ALA A 131 -10.54 -17.15 -25.10
C ALA A 131 -9.20 -16.78 -25.69
N ASN A 132 -8.45 -17.78 -26.10
CA ASN A 132 -7.15 -17.52 -26.66
C ASN A 132 -6.11 -16.85 -25.76
N LYS A 133 -6.19 -17.11 -24.46
CA LYS A 133 -5.17 -16.56 -23.59
C LYS A 133 -4.85 -17.58 -22.52
N ALA A 134 -3.71 -17.36 -21.81
CA ALA A 134 -3.24 -18.26 -20.75
C ALA A 134 -2.49 -17.57 -19.65
N THR A 135 -2.99 -17.74 -18.47
CA THR A 135 -2.38 -17.16 -17.29
C THR A 135 -2.05 -18.20 -16.22
N LEU A 136 -0.76 -18.26 -15.86
CA LEU A 136 -0.40 -19.22 -14.79
C LEU A 136 -0.33 -18.47 -13.50
N VAL A 137 -0.90 -19.00 -12.44
CA VAL A 137 -0.91 -18.20 -11.18
C VAL A 137 -0.12 -18.83 -10.03
N CYS A 138 0.92 -18.17 -9.50
CA CYS A 138 1.74 -18.73 -8.38
C CYS A 138 1.37 -17.95 -7.10
N LEU A 139 0.79 -18.61 -6.11
CA LEU A 139 0.35 -17.96 -4.87
C LEU A 139 1.29 -18.32 -3.72
N ILE A 140 1.82 -17.32 -2.97
CA ILE A 140 2.78 -17.59 -1.92
C ILE A 140 2.33 -17.00 -0.60
N SER A 141 2.13 -17.81 0.47
CA SER A 141 1.66 -17.14 1.66
C SER A 141 2.25 -17.68 2.95
N ASP A 142 1.80 -17.08 4.04
CA ASP A 142 2.28 -17.46 5.38
C ASP A 142 3.76 -17.50 5.68
N PHE A 143 4.55 -16.66 5.09
CA PHE A 143 5.97 -16.62 5.36
C PHE A 143 6.39 -15.39 6.17
N TYR A 144 7.57 -15.46 6.79
CA TYR A 144 8.17 -14.38 7.60
C TYR A 144 9.60 -14.73 7.78
N PRO A 145 10.52 -13.86 7.52
CA PRO A 145 10.40 -12.49 7.17
C PRO A 145 9.82 -12.24 5.77
N GLY A 146 9.46 -10.97 5.55
CA GLY A 146 8.79 -10.52 4.32
C GLY A 146 9.67 -10.43 3.11
N ALA A 147 10.60 -11.32 2.97
CA ALA A 147 11.46 -11.23 1.80
C ALA A 147 11.47 -12.56 1.08
N VAL A 148 11.29 -12.52 -0.25
CA VAL A 148 11.24 -13.75 -1.03
C VAL A 148 11.62 -13.51 -2.47
N THR A 149 12.25 -14.48 -3.12
CA THR A 149 12.61 -14.42 -4.53
C THR A 149 11.74 -15.38 -5.34
N VAL A 150 11.18 -14.92 -6.45
CA VAL A 150 10.31 -15.77 -7.30
C VAL A 150 10.88 -16.01 -8.70
N ALA A 151 10.88 -17.27 -9.15
CA ALA A 151 11.46 -17.55 -10.45
C ALA A 151 10.69 -18.57 -11.19
N TRP A 152 10.60 -18.31 -12.49
CA TRP A 152 9.83 -19.14 -13.38
C TRP A 152 10.65 -19.90 -14.42
N LYS A 153 10.18 -21.08 -14.78
CA LYS A 153 10.87 -21.84 -15.79
C LYS A 153 9.98 -22.62 -16.73
N ALA A 154 10.32 -22.58 -18.05
CA ALA A 154 9.62 -23.35 -19.11
C ALA A 154 10.51 -24.56 -19.35
N ASP A 155 10.06 -25.72 -18.88
CA ASP A 155 10.95 -26.88 -18.97
C ASP A 155 12.15 -26.58 -18.12
N SER A 156 13.32 -26.38 -18.71
CA SER A 156 14.46 -26.04 -17.85
C SER A 156 14.99 -24.64 -18.06
N SER A 157 14.38 -23.84 -18.91
CA SER A 157 14.93 -22.50 -19.17
C SER A 157 14.31 -21.45 -18.28
N PRO A 158 15.03 -20.38 -18.05
CA PRO A 158 14.46 -19.36 -17.20
C PRO A 158 13.61 -18.43 -18.00
N VAL A 159 12.36 -18.24 -17.61
CA VAL A 159 11.57 -17.31 -18.40
C VAL A 159 11.53 -15.91 -17.79
N ASN A 160 11.76 -14.87 -18.59
CA ASN A 160 11.78 -13.55 -17.99
C ASN A 160 10.64 -12.64 -18.35
N ALA A 161 10.19 -12.79 -19.56
CA ALA A 161 9.14 -11.95 -20.04
C ALA A 161 7.75 -12.45 -19.74
N GLY A 162 6.87 -11.47 -19.49
CA GLY A 162 5.45 -11.68 -19.19
C GLY A 162 5.16 -12.06 -17.74
N VAL A 163 6.08 -11.71 -16.88
CA VAL A 163 5.92 -12.04 -15.48
C VAL A 163 5.60 -10.81 -14.65
N GLU A 164 4.60 -10.90 -13.79
CA GLU A 164 4.28 -9.74 -12.91
C GLU A 164 4.20 -10.27 -11.51
N THR A 165 5.01 -9.71 -10.58
CA THR A 165 5.01 -10.22 -9.24
C THR A 165 4.80 -9.11 -8.21
N THR A 166 3.89 -9.29 -7.21
CA THR A 166 3.60 -8.23 -6.18
C THR A 166 4.70 -8.11 -5.18
N LYS A 167 4.85 -6.96 -4.47
CA LYS A 167 5.83 -6.99 -3.40
C LYS A 167 5.01 -7.64 -2.32
N PRO A 168 5.58 -8.16 -1.30
CA PRO A 168 4.76 -8.84 -0.33
C PRO A 168 4.14 -7.89 0.67
N SER A 169 3.00 -8.31 1.20
CA SER A 169 2.34 -7.48 2.17
C SER A 169 1.85 -8.31 3.34
N LYS A 170 1.96 -7.69 4.48
CA LYS A 170 1.63 -8.25 5.72
C LYS A 170 0.19 -8.54 5.84
N GLN A 171 -0.14 -9.75 6.30
CA GLN A 171 -1.52 -10.08 6.51
C GLN A 171 -1.90 -9.91 8.01
N SER A 172 -3.19 -10.03 8.29
CA SER A 172 -3.69 -9.82 9.65
C SER A 172 -3.15 -10.71 10.75
N ASN A 173 -2.49 -11.76 10.32
CA ASN A 173 -1.91 -12.76 11.18
C ASN A 173 -0.42 -12.54 11.32
N ASN A 174 0.03 -11.42 10.84
CA ASN A 174 1.45 -11.07 10.94
C ASN A 174 2.41 -11.74 10.01
N LYS A 175 1.85 -12.47 9.08
CA LYS A 175 2.71 -13.12 8.11
C LYS A 175 2.50 -12.43 6.76
N TYR A 176 3.38 -12.65 5.80
CA TYR A 176 3.28 -12.03 4.48
C TYR A 176 2.67 -12.94 3.38
N ALA A 177 2.21 -12.30 2.26
CA ALA A 177 1.64 -12.99 1.13
C ALA A 177 2.14 -12.29 -0.10
N ALA A 178 2.32 -13.03 -1.19
CA ALA A 178 2.82 -12.40 -2.41
C ALA A 178 2.26 -13.21 -3.55
N SER A 179 2.22 -12.65 -4.76
CA SER A 179 1.72 -13.36 -5.96
C SER A 179 2.59 -13.06 -7.15
N SER A 180 2.60 -13.99 -8.09
CA SER A 180 3.34 -13.84 -9.32
C SER A 180 2.53 -14.39 -10.46
N TYR A 181 2.47 -13.64 -11.55
CA TYR A 181 1.63 -14.07 -12.68
C TYR A 181 2.44 -14.19 -13.92
N LEU A 182 2.15 -15.20 -14.73
CA LEU A 182 2.90 -15.43 -15.96
C LEU A 182 1.94 -15.55 -17.08
N SER A 183 2.12 -14.59 -17.99
CA SER A 183 1.26 -14.42 -19.13
C SER A 183 1.79 -15.05 -20.36
N LEU A 184 1.04 -16.02 -20.88
CA LEU A 184 1.44 -16.71 -22.09
C LEU A 184 0.37 -16.89 -23.17
N THR A 185 0.90 -17.24 -24.35
CA THR A 185 0.01 -17.55 -25.44
C THR A 185 -0.23 -19.01 -25.33
N PRO A 186 -1.38 -19.43 -25.82
CA PRO A 186 -1.81 -20.83 -25.75
C PRO A 186 -0.93 -21.76 -26.52
N GLU A 187 -0.17 -21.19 -27.46
CA GLU A 187 0.80 -21.95 -28.25
C GLU A 187 2.02 -22.34 -27.43
N GLN A 188 2.53 -21.40 -26.64
CA GLN A 188 3.65 -21.70 -25.77
C GLN A 188 3.21 -22.67 -24.70
N TRP A 189 2.06 -22.41 -24.14
CA TRP A 189 1.56 -23.32 -23.12
C TRP A 189 1.59 -24.75 -23.63
N LYS A 190 1.16 -25.00 -24.83
CA LYS A 190 1.13 -26.40 -25.25
C LYS A 190 2.44 -26.89 -25.85
N SER A 191 3.33 -25.98 -26.07
CA SER A 191 4.57 -26.32 -26.65
C SER A 191 5.62 -26.81 -25.65
N HIS A 192 5.40 -26.67 -24.34
CA HIS A 192 6.44 -27.12 -23.42
C HIS A 192 5.96 -28.24 -22.58
N LYS A 193 6.89 -28.96 -21.94
CA LYS A 193 6.48 -30.13 -21.14
C LYS A 193 5.98 -29.76 -19.75
N SER A 194 6.47 -28.64 -19.23
CA SER A 194 5.96 -28.25 -17.91
C SER A 194 6.44 -26.85 -17.65
N TYR A 195 5.79 -26.19 -16.68
CA TYR A 195 6.24 -24.88 -16.26
C TYR A 195 6.42 -24.99 -14.77
N SER A 196 7.35 -24.17 -14.21
CA SER A 196 7.58 -24.21 -12.78
C SER A 196 7.70 -22.80 -12.14
N CYS A 197 7.21 -22.67 -10.91
CA CYS A 197 7.34 -21.43 -10.14
C CYS A 197 8.27 -21.83 -9.02
N GLN A 198 9.40 -21.17 -8.93
CA GLN A 198 10.34 -21.51 -7.88
C GLN A 198 10.44 -20.40 -6.86
N VAL A 199 10.20 -20.68 -5.55
CA VAL A 199 10.31 -19.60 -4.51
C VAL A 199 11.41 -19.87 -3.48
N THR A 200 12.28 -18.90 -3.31
CA THR A 200 13.36 -18.99 -2.35
C THR A 200 13.11 -18.09 -1.17
N HIS A 201 13.33 -18.59 0.06
CA HIS A 201 13.12 -17.84 1.27
C HIS A 201 14.09 -18.30 2.33
N GLU A 202 15.01 -17.41 2.68
CA GLU A 202 15.88 -17.74 3.77
C GLU A 202 16.45 -19.12 3.63
N GLY A 203 17.20 -19.34 2.60
CA GLY A 203 17.85 -20.62 2.44
C GLY A 203 16.95 -21.78 2.04
N SER A 204 15.66 -21.54 1.96
CA SER A 204 14.77 -22.62 1.57
C SER A 204 14.33 -22.41 0.15
N THR A 205 14.19 -23.47 -0.66
CA THR A 205 13.72 -23.26 -2.06
C THR A 205 12.68 -24.32 -2.28
N VAL A 206 11.47 -23.95 -2.72
CA VAL A 206 10.50 -24.95 -2.98
C VAL A 206 10.07 -24.71 -4.42
N GLU A 207 9.73 -25.75 -5.12
CA GLU A 207 9.40 -25.47 -6.51
C GLU A 207 8.15 -26.24 -6.86
N LYS A 208 7.14 -25.66 -7.52
CA LYS A 208 5.96 -26.45 -7.85
C LYS A 208 5.88 -26.53 -9.35
N THR A 209 5.21 -27.53 -9.90
CA THR A 209 5.19 -27.58 -11.38
C THR A 209 3.86 -27.98 -11.91
N VAL A 210 3.56 -27.53 -13.16
CA VAL A 210 2.35 -27.83 -13.90
C VAL A 210 2.70 -28.15 -15.35
N ALA A 211 1.86 -28.98 -15.93
CA ALA A 211 2.04 -29.40 -17.31
C ALA A 211 0.69 -29.50 -18.01
N PRO A 212 0.67 -29.24 -19.31
CA PRO A 212 -0.56 -29.30 -20.08
C PRO A 212 -1.15 -30.68 -20.06
N ALA A 213 -2.42 -30.75 -19.70
CA ALA A 213 -3.08 -32.03 -19.60
C ALA A 213 -2.13 -33.18 -19.78
N GLU A 214 -1.15 -33.33 -18.90
CA GLU A 214 -0.26 -34.49 -19.01
C GLU A 214 -0.98 -35.71 -18.38
N CYS A 215 -2.31 -35.56 -18.33
CA CYS A 215 -3.24 -36.53 -17.83
C CYS A 215 -2.72 -37.96 -18.07
N SER A 216 -3.22 -38.93 -17.29
CA SER A 216 -2.85 -40.35 -17.34
C SER A 216 -3.09 -40.97 -15.96
N PCA B 1 -15.74 17.88 19.11
CA PCA B 1 -14.63 17.06 18.71
CB PCA B 1 -15.26 15.73 18.33
CG PCA B 1 -16.76 15.96 18.12
CD PCA B 1 -17.02 17.35 18.61
OE PCA B 1 -18.10 17.65 19.17
C PCA B 1 -14.03 17.71 17.51
O PCA B 1 -14.72 18.22 16.62
N VAL B 2 -12.72 17.72 17.51
CA VAL B 2 -11.95 18.31 16.44
C VAL B 2 -11.84 17.35 15.31
N GLN B 3 -11.98 17.84 14.10
CA GLN B 3 -11.94 16.94 13.01
C GLN B 3 -11.79 17.64 11.69
N LEU B 4 -10.94 17.07 10.83
CA LEU B 4 -10.66 17.52 9.44
C LEU B 4 -11.10 16.40 8.50
N VAL B 5 -11.86 16.68 7.44
CA VAL B 5 -12.32 15.64 6.49
C VAL B 5 -12.13 16.12 5.04
N GLU B 6 -11.22 15.46 4.29
CA GLU B 6 -10.92 15.77 2.89
C GLU B 6 -11.90 15.09 1.98
N SER B 7 -12.09 15.74 0.83
CA SER B 7 -13.00 15.21 -0.15
C SER B 7 -12.60 15.61 -1.52
N GLY B 8 -13.15 14.83 -2.48
CA GLY B 8 -13.01 15.12 -3.88
C GLY B 8 -11.94 14.35 -4.59
N GLY B 9 -11.39 13.31 -3.98
CA GLY B 9 -10.39 12.58 -4.73
C GLY B 9 -11.18 11.63 -5.66
N GLY B 10 -10.48 10.98 -6.58
CA GLY B 10 -11.02 10.01 -7.57
C GLY B 10 -9.97 9.79 -8.68
N VAL B 11 -10.34 9.03 -9.70
CA VAL B 11 -9.52 8.70 -10.84
C VAL B 11 -9.62 9.77 -11.88
N VAL B 12 -8.53 10.11 -12.54
CA VAL B 12 -8.57 11.17 -13.55
C VAL B 12 -7.54 10.90 -14.61
N GLN B 13 -7.76 11.50 -15.77
CA GLN B 13 -6.76 11.38 -16.80
C GLN B 13 -5.82 12.54 -16.68
N PRO B 14 -4.61 12.27 -17.06
CA PRO B 14 -3.53 13.22 -17.09
C PRO B 14 -3.94 14.49 -17.80
N GLY B 15 -3.41 15.64 -17.39
CA GLY B 15 -3.79 16.86 -18.04
C GLY B 15 -5.10 17.40 -17.46
N ARG B 16 -5.93 16.61 -16.80
CA ARG B 16 -7.16 17.21 -16.36
C ARG B 16 -7.04 17.94 -15.03
N SER B 17 -8.16 18.37 -14.44
CA SER B 17 -8.14 19.14 -13.20
C SER B 17 -9.01 18.45 -12.18
N LEU B 18 -8.69 18.71 -10.93
CA LEU B 18 -9.56 18.14 -9.91
C LEU B 18 -9.40 19.11 -8.74
N ARG B 19 -10.46 19.38 -7.97
CA ARG B 19 -10.40 20.25 -6.81
C ARG B 19 -10.71 19.48 -5.53
N LEU B 20 -9.79 19.36 -4.59
CA LEU B 20 -10.11 18.65 -3.36
C LEU B 20 -10.56 19.63 -2.27
N SER B 21 -11.27 19.17 -1.27
CA SER B 21 -11.62 20.06 -0.19
C SER B 21 -11.31 19.42 1.16
N CYS B 22 -11.19 20.27 2.13
CA CYS B 22 -10.89 19.87 3.51
C CYS B 22 -11.72 20.77 4.39
N ALA B 23 -12.68 20.17 5.10
CA ALA B 23 -13.62 20.88 5.94
C ALA B 23 -13.33 20.65 7.41
N ALA B 24 -13.29 21.71 8.21
CA ALA B 24 -13.02 21.60 9.65
C ALA B 24 -14.26 21.67 10.47
N SER B 25 -14.21 21.11 11.64
CA SER B 25 -15.31 21.24 12.56
C SER B 25 -14.78 21.10 13.99
N GLY B 26 -15.49 21.60 15.00
CA GLY B 26 -14.97 21.38 16.33
C GLY B 26 -14.00 22.41 16.85
N PHE B 27 -13.55 23.31 16.00
CA PHE B 27 -12.67 24.33 16.45
C PHE B 27 -12.82 25.55 15.59
N THR B 28 -12.22 26.64 16.00
CA THR B 28 -12.28 27.88 15.22
C THR B 28 -11.25 27.92 14.08
N PHE B 29 -11.69 27.44 12.92
CA PHE B 29 -10.87 27.35 11.73
C PHE B 29 -10.14 28.61 11.33
N ASN B 30 -10.79 29.74 11.47
CA ASN B 30 -10.16 31.04 11.03
C ASN B 30 -8.96 31.40 11.84
N ASN B 31 -8.69 30.67 12.91
CA ASN B 31 -7.53 30.95 13.74
C ASN B 31 -6.31 30.07 13.43
N TYR B 32 -6.39 29.19 12.43
CA TYR B 32 -5.22 28.37 12.18
C TYR B 32 -4.82 28.27 10.76
N ALA B 33 -3.54 28.06 10.57
CA ALA B 33 -2.92 27.79 9.28
C ALA B 33 -3.19 26.30 8.95
N ILE B 34 -3.29 25.96 7.68
CA ILE B 34 -3.54 24.55 7.27
C ILE B 34 -2.60 24.21 6.16
N HIS B 35 -2.21 22.94 6.11
CA HIS B 35 -1.31 22.48 5.09
C HIS B 35 -1.87 21.23 4.44
N TRP B 36 -1.35 20.98 3.26
CA TRP B 36 -1.63 19.74 2.53
C TRP B 36 -0.31 18.99 2.44
N VAL B 37 -0.43 17.70 2.60
CA VAL B 37 0.71 16.78 2.55
C VAL B 37 0.25 15.60 1.71
N ARG B 38 1.15 14.95 1.02
CA ARG B 38 0.76 13.78 0.25
C ARG B 38 1.80 12.67 0.37
N GLN B 39 1.29 11.46 0.05
CA GLN B 39 2.13 10.29 0.07
C GLN B 39 1.82 9.38 -1.15
N ALA B 40 2.78 9.31 -2.04
CA ALA B 40 2.72 8.54 -3.29
C ALA B 40 2.85 7.06 -2.96
N PRO B 41 2.54 6.17 -3.94
CA PRO B 41 2.70 4.78 -3.61
C PRO B 41 4.13 4.28 -3.38
N GLY B 42 4.34 3.69 -2.18
CA GLY B 42 5.63 3.17 -1.76
C GLY B 42 6.60 4.26 -1.35
N LYS B 43 6.21 5.52 -1.42
CA LYS B 43 7.09 6.59 -1.09
C LYS B 43 6.81 7.22 0.29
N GLY B 44 7.66 8.17 0.72
CA GLY B 44 7.40 8.79 2.03
C GLY B 44 6.48 10.04 1.93
N LEU B 45 6.21 10.68 3.06
CA LEU B 45 5.37 11.87 3.17
C LEU B 45 6.09 13.00 2.46
N GLU B 46 5.31 13.79 1.74
CA GLU B 46 5.87 14.92 1.04
C GLU B 46 5.01 16.18 1.26
N TRP B 47 5.60 17.25 1.73
CA TRP B 47 4.84 18.48 1.97
C TRP B 47 4.45 19.13 0.64
N VAL B 48 3.17 19.56 0.55
CA VAL B 48 2.69 20.15 -0.73
C VAL B 48 2.45 21.68 -0.75
N ALA B 49 1.66 22.13 0.19
CA ALA B 49 1.39 23.56 0.33
C ALA B 49 0.81 23.95 1.65
N PHE B 50 0.74 25.30 1.82
CA PHE B 50 0.14 25.80 3.00
C PHE B 50 -0.44 27.16 2.79
N ILE B 51 -1.38 27.46 3.64
CA ILE B 51 -2.01 28.79 3.60
C ILE B 51 -2.18 29.39 4.99
N SER B 52 -1.93 30.68 5.17
CA SER B 52 -2.05 31.29 6.50
C SER B 52 -3.42 31.34 7.05
N TYR B 53 -3.49 31.64 8.34
CA TYR B 53 -4.83 31.68 8.98
C TYR B 53 -5.81 32.58 8.31
N ASP B 54 -5.35 33.75 7.83
CA ASP B 54 -6.27 34.70 7.20
C ASP B 54 -6.27 34.69 5.68
N GLY B 55 -5.49 33.78 5.12
CA GLY B 55 -5.39 33.60 3.68
C GLY B 55 -4.55 34.57 2.99
N SER B 56 -3.91 35.39 3.74
CA SER B 56 -3.12 36.33 3.05
C SER B 56 -1.86 35.71 2.58
N LYS B 57 -1.48 34.58 3.16
CA LYS B 57 -0.23 34.02 2.74
C LYS B 57 -0.27 32.57 2.32
N ASN B 58 0.63 32.25 1.41
CA ASN B 58 0.72 30.85 0.97
C ASN B 58 1.97 30.44 0.28
N TYR B 59 2.13 29.16 0.18
CA TYR B 59 3.38 28.68 -0.35
C TYR B 59 3.25 27.26 -0.80
N TYR B 60 4.16 26.92 -1.71
CA TYR B 60 4.14 25.62 -2.37
C TYR B 60 5.43 24.84 -2.52
N ALA B 61 5.31 23.49 -2.58
CA ALA B 61 6.48 22.71 -2.89
C ALA B 61 6.88 22.94 -4.36
N ASP B 62 8.19 22.84 -4.70
CA ASP B 62 8.68 23.07 -6.03
C ASP B 62 8.06 22.15 -7.02
N SER B 63 7.63 21.00 -6.56
CA SER B 63 7.01 20.00 -7.44
C SER B 63 5.57 20.28 -7.83
N VAL B 64 4.99 21.37 -7.36
CA VAL B 64 3.61 21.67 -7.73
C VAL B 64 3.46 23.10 -8.05
N LYS B 65 4.54 23.80 -7.81
CA LYS B 65 4.50 25.19 -8.13
C LYS B 65 3.91 25.35 -9.51
N GLY B 66 3.01 26.29 -9.64
CA GLY B 66 2.44 26.63 -10.89
C GLY B 66 1.31 25.74 -11.31
N ARG B 67 1.15 24.60 -10.69
CA ARG B 67 0.08 23.77 -11.14
C ARG B 67 -1.04 23.70 -10.18
N PHE B 68 -0.69 23.88 -8.93
CA PHE B 68 -1.63 23.74 -7.78
C PHE B 68 -1.87 25.11 -7.18
N THR B 69 -3.11 25.29 -6.66
CA THR B 69 -3.47 26.59 -6.05
C THR B 69 -4.22 26.38 -4.74
N ILE B 70 -3.76 26.98 -3.69
CA ILE B 70 -4.43 26.77 -2.46
C ILE B 70 -5.33 27.93 -2.10
N SER B 71 -6.44 27.67 -1.42
CA SER B 71 -7.32 28.77 -1.09
C SER B 71 -8.25 28.42 0.03
N ARG B 72 -8.80 29.42 0.78
CA ARG B 72 -9.72 28.96 1.85
C ARG B 72 -10.93 29.85 1.96
N ASP B 73 -12.00 29.37 2.51
CA ASP B 73 -13.10 30.26 2.61
C ASP B 73 -13.41 30.46 4.07
N ASN B 74 -13.01 31.59 4.64
CA ASN B 74 -13.22 31.84 6.07
C ASN B 74 -14.68 32.14 6.46
N SER B 75 -15.59 31.89 5.53
CA SER B 75 -16.98 32.02 5.82
C SER B 75 -17.59 30.65 5.78
N LYS B 76 -16.83 29.55 5.72
CA LYS B 76 -17.50 28.24 5.63
C LYS B 76 -16.64 27.11 6.23
N ASN B 77 -15.57 27.47 6.89
CA ASN B 77 -14.74 26.39 7.46
C ASN B 77 -14.23 25.36 6.43
N THR B 78 -13.86 25.83 5.28
CA THR B 78 -13.35 24.94 4.31
C THR B 78 -12.13 25.43 3.57
N LEU B 79 -11.22 24.51 3.33
CA LEU B 79 -10.10 24.79 2.50
C LEU B 79 -10.08 23.92 1.25
N PHE B 80 -9.41 24.47 0.23
CA PHE B 80 -9.41 23.88 -1.10
C PHE B 80 -8.05 23.75 -1.71
N LEU B 81 -7.88 22.70 -2.51
CA LEU B 81 -6.63 22.51 -3.28
C LEU B 81 -7.04 22.28 -4.72
N GLN B 82 -6.81 23.27 -5.57
CA GLN B 82 -7.15 23.18 -6.97
C GLN B 82 -5.99 22.58 -7.73
N MET B 83 -6.16 21.38 -8.31
CA MET B 83 -5.02 20.80 -9.01
C MET B 83 -5.18 20.81 -10.52
N ASN B 84 -4.31 21.48 -11.24
CA ASN B 84 -4.50 21.45 -12.67
C ASN B 84 -3.35 20.74 -13.39
N SER B 85 -3.57 20.25 -14.62
CA SER B 85 -2.47 19.65 -15.34
C SER B 85 -1.87 18.48 -14.58
N LEU B 86 -2.77 17.67 -14.03
CA LEU B 86 -2.35 16.58 -13.24
C LEU B 86 -1.42 15.65 -14.04
N ARG B 87 -0.45 14.96 -13.38
CA ARG B 87 0.45 14.01 -14.01
C ARG B 87 0.39 12.73 -13.32
N PRO B 88 0.88 11.67 -13.97
CA PRO B 88 0.85 10.36 -13.27
C PRO B 88 1.74 10.43 -12.03
N GLU B 89 2.73 11.28 -12.11
CA GLU B 89 3.57 11.41 -10.96
C GLU B 89 2.87 12.13 -9.78
N ASP B 90 1.56 12.51 -9.87
CA ASP B 90 0.86 13.24 -8.78
C ASP B 90 -0.02 12.24 -8.09
N THR B 91 0.02 11.02 -8.53
CA THR B 91 -0.81 10.03 -7.88
C THR B 91 -0.46 9.88 -6.37
N ALA B 92 -1.43 9.97 -5.45
CA ALA B 92 -1.15 9.89 -4.02
C ALA B 92 -2.35 10.03 -3.14
N ILE B 93 -2.17 9.70 -1.85
CA ILE B 93 -3.28 9.94 -0.90
C ILE B 93 -2.94 11.35 -0.40
N TYR B 94 -3.91 12.29 -0.33
CA TYR B 94 -3.58 13.69 0.07
C TYR B 94 -4.14 14.00 1.41
N TYR B 95 -3.35 14.57 2.37
CA TYR B 95 -3.99 14.85 3.66
C TYR B 95 -3.99 16.33 3.96
N CYS B 96 -4.97 16.84 4.72
CA CYS B 96 -4.82 18.24 5.18
C CYS B 96 -4.54 18.12 6.65
N ALA B 97 -3.72 19.00 7.15
CA ALA B 97 -3.34 18.96 8.55
C ALA B 97 -3.26 20.44 9.05
N ARG B 98 -3.77 20.64 10.25
CA ARG B 98 -3.81 21.92 11.02
C ARG B 98 -2.55 22.17 11.85
N VAL B 99 -2.10 23.40 12.08
CA VAL B 99 -0.92 23.43 12.96
C VAL B 99 -1.38 23.49 14.44
N LEU B 100 -0.46 23.25 15.35
CA LEU B 100 -0.74 23.23 16.78
C LEU B 100 -1.06 24.58 17.43
N PHE B 101 -0.48 25.64 16.93
CA PHE B 101 -0.63 26.96 17.45
C PHE B 101 -1.40 27.89 16.52
N GLN B 102 -2.15 28.78 17.18
CA GLN B 102 -3.00 29.71 16.50
C GLN B 102 -2.32 30.87 15.87
N GLN B 103 -3.05 31.48 14.95
CA GLN B 103 -2.62 32.66 14.24
C GLN B 103 -1.29 32.53 13.53
N LEU B 104 -0.52 33.59 13.51
CA LEU B 104 0.72 33.62 12.80
C LEU B 104 1.94 32.99 13.42
N VAL B 105 1.81 31.92 14.16
CA VAL B 105 3.01 31.31 14.72
C VAL B 105 3.71 30.49 13.63
N LEU B 106 5.04 30.55 13.61
CA LEU B 106 5.80 29.82 12.60
C LEU B 106 6.38 28.52 13.12
N TYR B 107 6.81 27.68 12.17
CA TYR B 107 7.45 26.42 12.51
C TYR B 107 6.62 25.67 13.47
N ALA B 108 5.32 25.79 13.38
CA ALA B 108 4.56 25.05 14.36
C ALA B 108 4.31 23.62 13.87
N PRO B 109 4.19 22.59 14.73
CA PRO B 109 3.95 21.23 14.22
C PRO B 109 2.53 20.98 13.71
N PHE B 110 2.35 19.81 13.07
CA PHE B 110 1.04 19.42 12.53
C PHE B 110 0.40 18.52 13.53
N ASP B 111 -0.57 18.97 14.32
CA ASP B 111 -1.13 18.09 15.33
C ASP B 111 -2.34 17.30 14.95
N ILE B 112 -3.25 17.89 14.20
CA ILE B 112 -4.47 17.24 13.78
C ILE B 112 -4.37 17.01 12.29
N TRP B 113 -4.70 15.80 11.80
CA TRP B 113 -4.63 15.43 10.38
C TRP B 113 -5.91 14.77 9.97
N GLY B 114 -6.33 14.86 8.72
CA GLY B 114 -7.57 14.18 8.41
C GLY B 114 -7.18 12.75 8.02
N GLN B 115 -8.12 11.96 7.55
CA GLN B 115 -7.76 10.61 7.16
C GLN B 115 -7.19 10.53 5.72
N GLY B 116 -7.25 11.62 4.97
CA GLY B 116 -6.73 11.71 3.61
C GLY B 116 -7.74 11.26 2.54
N THR B 117 -7.47 11.63 1.31
CA THR B 117 -8.29 11.23 0.15
C THR B 117 -7.34 10.85 -1.01
N MET B 118 -7.70 9.77 -1.66
CA MET B 118 -6.89 9.23 -2.75
C MET B 118 -7.14 9.81 -4.11
N VAL B 119 -6.06 10.17 -4.79
CA VAL B 119 -6.09 10.71 -6.17
C VAL B 119 -5.24 9.81 -7.07
N THR B 120 -5.83 9.22 -8.13
CA THR B 120 -5.11 8.36 -9.10
C THR B 120 -5.16 8.97 -10.47
N VAL B 121 -4.03 9.24 -11.01
CA VAL B 121 -3.97 9.84 -12.32
C VAL B 121 -3.56 8.74 -13.28
N SER B 122 -4.46 8.21 -14.09
CA SER B 122 -4.08 7.14 -15.01
C SER B 122 -4.72 7.36 -16.36
N SER B 123 -4.17 6.70 -17.40
CA SER B 123 -4.78 6.76 -18.74
C SER B 123 -5.69 5.56 -18.90
N ALA B 124 -5.60 4.62 -17.95
CA ALA B 124 -6.47 3.49 -18.12
C ALA B 124 -7.93 3.91 -18.10
N SER B 125 -8.82 3.06 -18.56
CA SER B 125 -10.24 3.31 -18.52
C SER B 125 -10.90 2.26 -17.68
N THR B 126 -12.02 2.63 -17.13
CA THR B 126 -12.82 1.80 -16.27
C THR B 126 -13.19 0.55 -17.00
N LYS B 127 -12.89 -0.61 -16.39
CA LYS B 127 -13.17 -1.91 -16.99
C LYS B 127 -13.51 -2.99 -15.99
N GLY B 128 -14.63 -3.66 -16.12
CA GLY B 128 -14.98 -4.72 -15.16
C GLY B 128 -14.05 -5.89 -15.41
N PRO B 129 -13.90 -6.75 -14.48
CA PRO B 129 -12.97 -7.83 -14.68
C PRO B 129 -13.51 -9.06 -15.36
N SER B 130 -12.58 -9.88 -15.93
CA SER B 130 -12.92 -11.18 -16.48
C SER B 130 -12.61 -12.14 -15.34
N VAL B 131 -13.43 -13.13 -15.13
CA VAL B 131 -13.24 -14.04 -14.05
C VAL B 131 -13.16 -15.47 -14.44
N PHE B 132 -12.09 -16.12 -14.03
CA PHE B 132 -11.92 -17.54 -14.37
C PHE B 132 -11.73 -18.45 -13.16
N PRO B 133 -12.23 -19.70 -13.25
CA PRO B 133 -12.09 -20.64 -12.20
C PRO B 133 -10.71 -21.20 -12.14
N LEU B 134 -10.27 -21.51 -10.94
CA LEU B 134 -8.96 -22.09 -10.75
C LEU B 134 -9.33 -23.39 -10.10
N ALA B 135 -9.48 -24.42 -10.94
CA ALA B 135 -9.94 -25.67 -10.45
C ALA B 135 -8.95 -26.48 -9.64
N PRO B 136 -9.51 -27.15 -8.64
CA PRO B 136 -8.80 -28.01 -7.70
C PRO B 136 -8.21 -29.24 -8.40
N SER B 137 -7.14 -29.79 -7.84
CA SER B 137 -6.56 -30.98 -8.45
C SER B 137 -5.56 -31.70 -7.56
N SER B 138 -5.25 -32.94 -7.94
CA SER B 138 -4.27 -33.76 -7.25
C SER B 138 -2.98 -32.96 -7.19
N LYS B 139 -2.79 -32.17 -8.25
CA LYS B 139 -1.64 -31.30 -8.43
C LYS B 139 -1.53 -30.31 -7.30
N SER B 140 -2.62 -30.23 -6.55
CA SER B 140 -2.72 -29.34 -5.40
C SER B 140 -3.87 -29.79 -4.50
N THR B 141 -4.06 -31.11 -4.53
CA THR B 141 -5.10 -31.77 -3.78
C THR B 141 -4.56 -32.42 -2.53
N SER B 142 -5.52 -33.02 -1.89
CA SER B 142 -5.35 -33.78 -0.68
C SER B 142 -4.07 -33.61 0.12
N GLY B 143 -4.09 -32.56 0.96
CA GLY B 143 -3.08 -32.28 1.93
C GLY B 143 -3.87 -32.75 3.14
N GLY B 144 -5.04 -33.25 2.69
CA GLY B 144 -6.22 -33.78 3.34
C GLY B 144 -7.34 -32.87 2.81
N THR B 145 -6.87 -31.67 2.49
CA THR B 145 -7.63 -30.57 2.01
C THR B 145 -7.17 -30.19 0.64
N ALA B 146 -8.05 -29.45 -0.08
CA ALA B 146 -7.77 -28.98 -1.43
C ALA B 146 -7.97 -27.49 -1.59
N ALA B 147 -7.21 -26.96 -2.56
CA ALA B 147 -7.19 -25.53 -2.90
C ALA B 147 -7.82 -25.19 -4.26
N LEU B 148 -8.82 -24.36 -4.24
CA LEU B 148 -9.44 -23.95 -5.46
C LEU B 148 -9.71 -22.45 -5.41
N GLY B 149 -9.91 -21.77 -6.51
CA GLY B 149 -10.09 -20.34 -6.41
C GLY B 149 -10.68 -19.73 -7.64
N CYS B 150 -10.64 -18.39 -7.69
CA CYS B 150 -11.17 -17.60 -8.80
C CYS B 150 -10.12 -16.64 -9.15
N LEU B 151 -9.79 -16.50 -10.39
CA LEU B 151 -8.81 -15.55 -10.78
C LEU B 151 -9.59 -14.33 -11.36
N VAL B 152 -9.35 -13.10 -10.88
CA VAL B 152 -10.09 -11.89 -11.29
C VAL B 152 -9.22 -11.05 -12.12
N LYS B 153 -9.43 -11.08 -13.44
CA LYS B 153 -8.54 -10.47 -14.37
C LYS B 153 -8.93 -9.20 -15.05
N ASP B 154 -7.90 -8.46 -15.26
CA ASP B 154 -7.87 -7.20 -15.94
C ASP B 154 -9.01 -6.28 -15.65
N TYR B 155 -8.94 -5.58 -14.50
CA TYR B 155 -9.95 -4.63 -14.16
C TYR B 155 -9.32 -3.30 -13.78
N PHE B 156 -10.14 -2.24 -13.71
CA PHE B 156 -9.66 -0.87 -13.35
C PHE B 156 -10.86 -0.06 -12.95
N PRO B 157 -10.84 0.67 -11.80
CA PRO B 157 -9.69 0.73 -10.91
C PRO B 157 -10.04 -0.08 -9.68
N GLN B 158 -9.19 -0.06 -8.67
CA GLN B 158 -9.54 -0.82 -7.48
C GLN B 158 -10.73 -0.13 -6.81
N PRO B 159 -11.43 -0.84 -5.92
CA PRO B 159 -11.12 -2.21 -5.50
C PRO B 159 -12.18 -3.20 -6.01
N VAL B 160 -11.97 -4.48 -5.74
CA VAL B 160 -12.96 -5.49 -6.11
C VAL B 160 -13.21 -6.13 -4.78
N THR B 161 -14.36 -6.77 -4.66
CA THR B 161 -14.73 -7.48 -3.46
C THR B 161 -15.03 -8.92 -3.79
N VAL B 162 -14.48 -9.87 -3.07
CA VAL B 162 -14.84 -11.24 -3.35
C VAL B 162 -15.44 -11.88 -2.15
N SER B 163 -16.45 -12.69 -2.37
CA SER B 163 -17.07 -13.44 -1.29
C SER B 163 -17.31 -14.85 -1.87
N TRP B 164 -17.59 -15.86 -1.07
CA TRP B 164 -17.79 -17.23 -1.63
C TRP B 164 -19.12 -17.77 -1.18
N ASN B 165 -19.81 -18.56 -1.97
CA ASN B 165 -21.12 -18.99 -1.47
C ASN B 165 -21.87 -17.87 -0.85
N SER B 166 -21.78 -16.70 -1.43
CA SER B 166 -22.55 -15.61 -0.94
C SER B 166 -22.42 -15.31 0.53
N GLY B 167 -21.20 -15.33 1.07
CA GLY B 167 -20.95 -15.00 2.45
C GLY B 167 -20.90 -16.17 3.39
N ALA B 168 -21.60 -17.27 3.03
CA ALA B 168 -21.69 -18.47 3.85
C ALA B 168 -20.38 -19.25 4.10
N LEU B 169 -19.44 -19.13 3.21
CA LEU B 169 -18.18 -19.80 3.36
C LEU B 169 -17.21 -18.70 3.77
N THR B 170 -16.70 -18.67 5.00
CA THR B 170 -15.78 -17.57 5.38
C THR B 170 -14.45 -18.00 5.99
N SER B 171 -14.36 -19.27 6.21
CA SER B 171 -13.15 -19.83 6.74
C SER B 171 -12.33 -20.52 5.66
N GLY B 172 -11.06 -20.28 5.63
CA GLY B 172 -10.25 -20.96 4.65
C GLY B 172 -9.99 -20.11 3.44
N VAL B 173 -10.70 -19.06 3.36
CA VAL B 173 -10.60 -18.11 2.26
C VAL B 173 -9.44 -17.19 2.45
N HIS B 174 -8.72 -16.93 1.39
CA HIS B 174 -7.63 -16.02 1.43
C HIS B 174 -7.64 -15.29 0.10
N THR B 175 -7.93 -13.94 0.11
CA THR B 175 -7.95 -13.04 -1.03
C THR B 175 -6.68 -12.27 -1.10
N PHE B 176 -5.93 -12.47 -2.17
CA PHE B 176 -4.67 -11.78 -2.30
C PHE B 176 -4.76 -10.37 -2.85
N PRO B 177 -3.84 -9.55 -2.41
CA PRO B 177 -3.75 -8.22 -2.92
C PRO B 177 -3.51 -8.25 -4.39
N ALA B 178 -4.09 -7.26 -5.07
CA ALA B 178 -4.00 -7.18 -6.52
C ALA B 178 -2.63 -6.80 -6.98
N VAL B 179 -2.31 -7.18 -8.24
CA VAL B 179 -1.03 -6.82 -8.90
C VAL B 179 -1.37 -5.78 -9.97
N LEU B 180 -0.49 -4.80 -10.16
CA LEU B 180 -0.73 -3.79 -11.16
C LEU B 180 0.08 -4.12 -12.39
N GLN B 181 -0.57 -4.57 -13.42
CA GLN B 181 0.18 -4.92 -14.60
C GLN B 181 0.74 -3.71 -15.29
N SER B 182 1.67 -3.89 -16.19
CA SER B 182 2.27 -2.75 -16.85
C SER B 182 1.32 -2.15 -17.82
N SER B 183 0.30 -2.90 -18.03
CA SER B 183 -0.71 -2.46 -18.94
C SER B 183 -1.63 -1.45 -18.26
N GLY B 184 -1.43 -1.21 -16.97
CA GLY B 184 -2.29 -0.25 -16.26
C GLY B 184 -3.53 -0.87 -15.65
N LEU B 185 -3.77 -2.16 -15.89
CA LEU B 185 -4.91 -2.87 -15.27
C LEU B 185 -4.47 -3.80 -14.12
N TYR B 186 -5.41 -4.13 -13.18
CA TYR B 186 -5.09 -4.94 -12.06
C TYR B 186 -5.63 -6.34 -12.23
N SER B 187 -5.06 -7.24 -11.46
CA SER B 187 -5.50 -8.64 -11.40
C SER B 187 -5.32 -9.12 -10.02
N LEU B 188 -6.20 -10.01 -9.58
CA LEU B 188 -6.10 -10.57 -8.25
C LEU B 188 -6.67 -11.95 -8.29
N SER B 189 -6.41 -12.70 -7.21
CA SER B 189 -6.85 -14.10 -7.00
C SER B 189 -7.40 -14.35 -5.61
N SER B 190 -8.46 -15.15 -5.51
CA SER B 190 -9.00 -15.46 -4.21
C SER B 190 -8.98 -16.97 -4.11
N VAL B 191 -8.45 -17.54 -3.04
CA VAL B 191 -8.40 -19.00 -2.92
C VAL B 191 -9.09 -19.44 -1.68
N VAL B 192 -9.50 -20.69 -1.65
CA VAL B 192 -10.14 -21.29 -0.51
C VAL B 192 -9.58 -22.68 -0.29
N THR B 193 -9.54 -23.15 0.95
CA THR B 193 -8.99 -24.50 1.22
C THR B 193 -10.08 -25.37 1.71
N VAL B 194 -10.24 -26.56 1.11
CA VAL B 194 -11.37 -27.38 1.49
C VAL B 194 -11.07 -28.86 1.52
N PRO B 195 -11.89 -29.60 2.26
CA PRO B 195 -11.79 -31.05 2.41
C PRO B 195 -11.84 -31.65 1.05
N SER B 196 -10.80 -32.36 0.73
CA SER B 196 -10.71 -32.99 -0.55
C SER B 196 -11.57 -34.24 -0.70
N SER B 197 -12.27 -34.64 0.34
CA SER B 197 -13.05 -35.86 0.25
C SER B 197 -14.51 -35.60 -0.04
N SER B 198 -14.83 -34.34 -0.25
CA SER B 198 -16.20 -33.91 -0.47
C SER B 198 -16.32 -33.04 -1.69
N LEU B 199 -15.26 -32.95 -2.45
CA LEU B 199 -15.34 -32.15 -3.64
C LEU B 199 -16.46 -32.64 -4.54
N GLY B 200 -16.98 -31.85 -5.41
CA GLY B 200 -18.00 -32.59 -6.15
C GLY B 200 -19.24 -32.95 -5.37
N THR B 201 -19.16 -33.05 -4.07
CA THR B 201 -20.41 -33.25 -3.36
C THR B 201 -20.86 -31.86 -2.86
N GLN B 202 -19.91 -30.93 -2.74
CA GLN B 202 -20.15 -29.57 -2.25
C GLN B 202 -20.03 -28.56 -3.39
N THR B 203 -20.85 -27.52 -3.44
CA THR B 203 -20.69 -26.58 -4.55
C THR B 203 -19.98 -25.30 -4.11
N TYR B 204 -19.09 -24.78 -4.93
CA TYR B 204 -18.33 -23.56 -4.60
C TYR B 204 -18.44 -22.57 -5.74
N ILE B 205 -18.84 -21.35 -5.39
CA ILE B 205 -19.09 -20.22 -6.30
C ILE B 205 -18.48 -19.00 -5.65
N CYS B 206 -17.67 -18.35 -6.40
CA CYS B 206 -17.09 -17.09 -5.92
C CYS B 206 -17.93 -15.93 -6.46
N ASN B 207 -18.18 -14.93 -5.63
CA ASN B 207 -19.02 -13.76 -5.92
C ASN B 207 -18.13 -12.52 -6.10
N VAL B 208 -18.05 -11.99 -7.28
CA VAL B 208 -17.13 -10.90 -7.45
C VAL B 208 -17.89 -9.64 -7.75
N ASN B 209 -17.60 -8.60 -7.01
CA ASN B 209 -18.31 -7.33 -7.20
C ASN B 209 -17.40 -6.16 -7.53
N HIS B 210 -17.59 -5.48 -8.68
CA HIS B 210 -16.66 -4.37 -9.03
C HIS B 210 -17.47 -3.06 -9.13
N LYS B 211 -17.62 -2.42 -7.99
CA LYS B 211 -18.39 -1.22 -7.84
C LYS B 211 -18.18 -0.22 -8.90
N PRO B 212 -16.94 0.10 -9.14
CA PRO B 212 -16.68 1.10 -10.12
C PRO B 212 -17.34 0.86 -11.46
N SER B 213 -17.46 -0.38 -11.95
CA SER B 213 -18.08 -0.55 -13.29
C SER B 213 -19.45 -1.16 -13.24
N ASN B 214 -20.02 -1.19 -12.08
CA ASN B 214 -21.35 -1.76 -11.89
C ASN B 214 -21.51 -3.15 -12.48
N THR B 215 -20.51 -3.99 -12.20
CA THR B 215 -20.45 -5.39 -12.62
C THR B 215 -20.30 -6.31 -11.45
N LYS B 216 -21.17 -7.33 -11.42
CA LYS B 216 -21.10 -8.36 -10.41
C LYS B 216 -20.94 -9.69 -11.20
N VAL B 217 -20.12 -10.64 -10.75
CA VAL B 217 -20.08 -11.92 -11.49
C VAL B 217 -20.14 -13.06 -10.51
N ASP B 218 -20.88 -14.12 -10.86
CA ASP B 218 -20.88 -15.30 -10.02
C ASP B 218 -20.23 -16.42 -10.82
N LYS B 219 -19.30 -17.16 -10.23
CA LYS B 219 -18.65 -18.22 -10.97
C LYS B 219 -18.45 -19.47 -10.15
N LYS B 220 -19.07 -20.54 -10.64
CA LYS B 220 -18.95 -21.80 -9.99
C LYS B 220 -17.62 -22.39 -10.33
N VAL B 221 -16.96 -22.97 -9.33
CA VAL B 221 -15.68 -23.57 -9.63
C VAL B 221 -15.74 -25.07 -9.46
N GLU B 222 -15.34 -25.80 -10.49
CA GLU B 222 -15.47 -27.23 -10.32
C GLU B 222 -14.29 -27.99 -10.77
N PRO B 223 -14.15 -29.12 -10.13
CA PRO B 223 -13.06 -29.99 -10.44
C PRO B 223 -13.31 -30.62 -11.81
N LYS B 224 -12.35 -30.46 -12.70
CA LYS B 224 -12.53 -31.06 -13.98
C LYS B 224 -12.32 -32.55 -13.83
N SER B 225 -11.92 -33.14 -14.94
CA SER B 225 -11.63 -34.55 -15.06
C SER B 225 -10.99 -34.71 -16.44
N CYS B 226 -9.74 -34.27 -16.57
CA CYS B 226 -9.03 -34.33 -17.82
C CYS B 226 -8.79 -35.75 -18.32
#